data_5WES
#
_entry.id   5WES
#
_cell.length_a   47.507
_cell.length_b   63.029
_cell.length_c   91.978
_cell.angle_alpha   90.00
_cell.angle_beta   105.41
_cell.angle_gamma   90.00
#
_symmetry.space_group_name_H-M   'P 1 21 1'
#
loop_
_entity.id
_entity.type
_entity.pdbx_description
1 polymer 'H-2 class I histocompatibility antigen, D-D alpha chain'
2 polymer Beta-2-microglobulin
3 polymer 'Surface protein gp120'
4 non-polymer GLYCINE
5 non-polymer LEUCINE
#
loop_
_entity_poly.entity_id
_entity_poly.type
_entity_poly.pdbx_seq_one_letter_code
_entity_poly.pdbx_strand_id
1 'polypeptide(L)'
;SHSLRYFVTAVSRPGFGEPRYMEVGYVDNTEFVRFDSDAENPRYEPRARWIEQEGPEYWERETRRAKGNEQCFRVDLRTA
LRYYNQSAGGSHTLQWMAGCDVESDGRLLRGYWQFAYDGCDYIALNEDLKTWTAADMAAQITRRKWEQAGAAERDRAYLE
GECVEWLRRYLKNGNATLLRTDPPKAHVTHHRRPEGDVTLRCWALGFYPADITLTWQLNGEELTQEMELVETRPAGDGTF
QKWASVVVPLGKEQKYTCHVEHEGLPEPLTLRWGKE
;
A
2 'polypeptide(L)'
;IQKTPQIQVYSRHPPENGKPNILNCYVTQFHPPHIEIQMLKNGKKIPKVEMSDMSFSKDWSFYILAHTEFTPTETDTYAC
RVKHASMAEPKTVYWDRDM
;
B
3 'polypeptide(L)' RGPGC P
#
# COMPACT_ATOMS: atom_id res chain seq x y z
N SER A 1 13.29 9.23 10.22
CA SER A 1 13.94 8.73 9.00
C SER A 1 13.05 8.91 7.77
N HIS A 2 13.30 9.98 7.03
CA HIS A 2 12.46 10.26 5.87
C HIS A 2 12.92 9.46 4.65
N SER A 3 12.06 9.44 3.63
CA SER A 3 12.35 8.66 2.44
C SER A 3 11.53 9.21 1.27
N LEU A 4 12.12 9.10 0.07
CA LEU A 4 11.44 9.32 -1.19
C LEU A 4 11.58 8.05 -2.03
N ARG A 5 10.46 7.43 -2.40
CA ARG A 5 10.50 6.15 -3.09
C ARG A 5 9.51 6.16 -4.25
N TYR A 6 9.86 5.42 -5.30
CA TYR A 6 9.05 5.29 -6.50
C TYR A 6 8.83 3.83 -6.80
N PHE A 7 7.57 3.43 -6.93
CA PHE A 7 7.16 2.07 -7.24
C PHE A 7 6.63 2.02 -8.66
N VAL A 8 7.23 1.17 -9.49
CA VAL A 8 6.93 1.12 -10.92
C VAL A 8 6.52 -0.30 -11.30
N THR A 9 5.49 -0.42 -12.12
CA THR A 9 4.96 -1.71 -12.53
C THR A 9 4.56 -1.70 -14.00
N ALA A 10 5.01 -2.71 -14.75
CA ALA A 10 4.58 -2.93 -16.12
C ALA A 10 4.01 -4.34 -16.24
N VAL A 11 2.81 -4.45 -16.81
CA VAL A 11 2.10 -5.72 -16.92
C VAL A 11 1.74 -5.93 -18.38
N SER A 12 2.31 -6.97 -18.99
CA SER A 12 1.99 -7.29 -20.37
C SER A 12 0.59 -7.91 -20.46
N ARG A 13 0.00 -7.79 -21.65
CA ARG A 13 -1.35 -8.31 -21.89
C ARG A 13 -1.45 -8.70 -23.36
N PRO A 14 -1.11 -9.94 -23.70
CA PRO A 14 -1.09 -10.35 -25.10
C PRO A 14 -2.48 -10.29 -25.74
N GLY A 15 -2.51 -9.77 -26.97
CA GLY A 15 -3.76 -9.56 -27.67
C GLY A 15 -4.62 -8.44 -27.15
N PHE A 16 -4.17 -7.70 -26.12
CA PHE A 16 -4.88 -6.54 -25.61
C PHE A 16 -4.10 -5.25 -25.79
N GLY A 17 -2.97 -5.29 -26.51
CA GLY A 17 -2.19 -4.10 -26.78
C GLY A 17 -0.84 -4.06 -26.10
N GLU A 18 -0.33 -2.85 -25.82
CA GLU A 18 0.96 -2.69 -25.17
C GLU A 18 0.82 -2.80 -23.65
N PRO A 19 1.91 -3.10 -22.95
CA PRO A 19 1.81 -3.28 -21.49
C PRO A 19 1.30 -2.04 -20.78
N ARG A 20 0.52 -2.27 -19.72
CA ARG A 20 0.11 -1.18 -18.84
C ARG A 20 1.30 -0.78 -17.98
N TYR A 21 1.60 0.51 -17.94
CA TYR A 21 2.75 1.03 -17.22
C TYR A 21 2.27 2.02 -16.17
N MET A 22 2.80 1.90 -14.94
CA MET A 22 2.36 2.74 -13.83
C MET A 22 3.55 3.17 -13.00
N GLU A 23 3.49 4.40 -12.49
CA GLU A 23 4.41 4.87 -11.45
C GLU A 23 3.61 5.44 -10.30
N VAL A 24 4.10 5.22 -9.07
CA VAL A 24 3.64 5.91 -7.88
C VAL A 24 4.85 6.38 -7.10
N GLY A 25 4.85 7.65 -6.68
CA GLY A 25 5.89 8.20 -5.81
C GLY A 25 5.35 8.40 -4.40
N TYR A 26 6.17 8.08 -3.41
CA TYR A 26 5.82 8.24 -2.00
C TYR A 26 6.86 9.08 -1.30
N VAL A 27 6.43 9.92 -0.35
CA VAL A 27 7.31 10.55 0.64
C VAL A 27 6.84 10.09 2.01
N ASP A 28 7.78 9.62 2.84
CA ASP A 28 7.46 9.07 4.16
C ASP A 28 6.29 8.10 4.05
N ASN A 29 6.33 7.28 3.00
CA ASN A 29 5.33 6.24 2.76
C ASN A 29 3.93 6.80 2.54
N THR A 30 3.84 8.06 2.09
CA THR A 30 2.57 8.70 1.75
C THR A 30 2.56 9.06 0.28
N GLU A 31 1.56 8.57 -0.46
CA GLU A 31 1.52 8.76 -1.90
C GLU A 31 1.32 10.22 -2.27
N PHE A 32 2.08 10.70 -3.27
CA PHE A 32 1.89 12.08 -3.72
C PHE A 32 1.91 12.27 -5.23
N VAL A 33 2.50 11.40 -6.03
CA VAL A 33 2.41 11.47 -7.48
C VAL A 33 2.00 10.10 -8.01
N ARG A 34 1.50 10.09 -9.24
CA ARG A 34 1.04 8.84 -9.84
C ARG A 34 0.98 9.00 -11.36
N PHE A 35 1.35 7.95 -12.08
CA PHE A 35 1.25 7.87 -13.53
C PHE A 35 0.58 6.55 -13.88
N ASP A 36 -0.34 6.59 -14.83
CA ASP A 36 -1.09 5.42 -15.27
C ASP A 36 -1.22 5.49 -16.78
N SER A 37 -0.53 4.61 -17.50
CA SER A 37 -0.56 4.64 -18.96
C SER A 37 -1.95 4.38 -19.53
N ASP A 38 -2.84 3.79 -18.74
CA ASP A 38 -4.20 3.49 -19.20
C ASP A 38 -5.20 4.57 -18.84
N ALA A 39 -4.74 5.70 -18.31
CA ALA A 39 -5.63 6.77 -17.92
C ALA A 39 -6.13 7.53 -19.16
N GLU A 40 -7.34 8.06 -19.05
CA GLU A 40 -7.80 9.01 -20.05
C GLU A 40 -6.87 10.23 -19.96
N ASN A 41 -6.06 10.42 -21.00
CA ASN A 41 -4.97 11.40 -20.99
C ASN A 41 -3.92 11.03 -19.95
N PRO A 42 -2.90 10.26 -20.35
CA PRO A 42 -1.88 9.78 -19.39
C PRO A 42 -0.78 10.82 -19.18
N ARG A 43 -0.60 11.21 -17.93
CA ARG A 43 0.41 12.20 -17.53
C ARG A 43 0.60 12.08 -16.03
N TYR A 44 1.72 12.62 -15.55
CA TYR A 44 1.97 12.65 -14.10
C TYR A 44 0.96 13.58 -13.43
N GLU A 45 0.36 13.11 -12.33
CA GLU A 45 -0.74 13.82 -11.68
C GLU A 45 -0.46 14.02 -10.20
N PRO A 46 -0.85 15.16 -9.64
CA PRO A 46 -0.76 15.34 -8.19
C PRO A 46 -1.74 14.42 -7.47
N ARG A 47 -1.34 13.98 -6.27
CA ARG A 47 -2.18 13.14 -5.42
C ARG A 47 -2.23 13.69 -3.99
N ALA A 48 -1.66 14.87 -3.77
CA ALA A 48 -1.71 15.56 -2.49
C ALA A 48 -1.66 17.04 -2.79
N ARG A 49 -2.36 17.84 -2.00
CA ARG A 49 -2.46 19.27 -2.29
C ARG A 49 -1.08 19.93 -2.29
N TRP A 50 -0.15 19.48 -1.43
CA TRP A 50 1.07 20.24 -1.25
C TRP A 50 1.94 20.22 -2.51
N ILE A 51 2.00 19.08 -3.20
CA ILE A 51 2.81 19.02 -4.41
C ILE A 51 2.20 19.86 -5.52
N GLU A 52 0.91 20.20 -5.43
CA GLU A 52 0.27 21.05 -6.43
C GLU A 52 0.95 22.40 -6.60
N GLN A 53 1.75 22.82 -5.63
CA GLN A 53 2.40 24.12 -5.73
C GLN A 53 3.54 24.14 -6.75
N GLU A 54 3.91 23.00 -7.33
CA GLU A 54 4.99 22.96 -8.29
C GLU A 54 4.51 23.40 -9.67
N GLY A 55 5.39 24.10 -10.40
CA GLY A 55 5.04 24.69 -11.66
C GLY A 55 4.89 23.68 -12.79
N PRO A 56 4.42 24.16 -13.95
CA PRO A 56 4.09 23.22 -15.03
C PRO A 56 5.31 22.55 -15.64
N GLU A 57 6.50 23.11 -15.48
CA GLU A 57 7.68 22.44 -16.01
C GLU A 57 8.03 21.21 -15.19
N TYR A 58 7.53 21.10 -13.96
CA TYR A 58 7.72 19.90 -13.16
C TYR A 58 6.86 18.75 -13.69
N TRP A 59 5.58 19.00 -13.96
CA TRP A 59 4.70 17.95 -14.47
C TRP A 59 5.07 17.54 -15.90
N GLU A 60 5.50 18.48 -16.73
CA GLU A 60 5.93 18.11 -18.07
C GLU A 60 7.20 17.28 -18.03
N ARG A 61 8.15 17.66 -17.18
CA ARG A 61 9.42 16.93 -17.11
C ARG A 61 9.20 15.51 -16.61
N GLU A 62 8.36 15.35 -15.58
CA GLU A 62 8.11 14.01 -15.05
C GLU A 62 7.28 13.17 -16.01
N THR A 63 6.31 13.79 -16.69
CA THR A 63 5.56 13.09 -17.73
C THR A 63 6.48 12.63 -18.85
N ARG A 64 7.43 13.47 -19.23
CA ARG A 64 8.44 13.09 -20.20
C ARG A 64 9.25 11.90 -19.71
N ARG A 65 9.66 11.93 -18.44
CA ARG A 65 10.44 10.81 -17.89
C ARG A 65 9.62 9.55 -17.82
N ALA A 66 8.37 9.65 -17.38
CA ALA A 66 7.53 8.47 -17.25
C ALA A 66 7.33 7.79 -18.59
N LYS A 67 6.92 8.56 -19.60
CA LYS A 67 6.68 7.99 -20.93
C LYS A 67 7.94 7.35 -21.51
N GLY A 68 9.11 7.87 -21.16
CA GLY A 68 10.36 7.24 -21.59
C GLY A 68 10.63 5.94 -20.85
N ASN A 69 10.36 5.92 -19.54
CA ASN A 69 10.49 4.69 -18.77
C ASN A 69 9.58 3.61 -19.31
N GLU A 70 8.33 3.98 -19.65
CA GLU A 70 7.40 3.02 -20.22
C GLU A 70 7.98 2.36 -21.47
N GLN A 71 8.72 3.13 -22.28
CA GLN A 71 9.34 2.56 -23.47
C GLN A 71 10.47 1.61 -23.09
N CYS A 72 11.32 1.98 -22.13
CA CYS A 72 12.36 1.06 -21.68
C CYS A 72 11.77 -0.23 -21.12
N PHE A 73 10.60 -0.15 -20.46
CA PHE A 73 9.98 -1.35 -19.90
C PHE A 73 9.28 -2.22 -20.94
N ARG A 74 8.85 -1.64 -22.07
CA ARG A 74 8.35 -2.47 -23.16
C ARG A 74 9.45 -3.39 -23.68
N VAL A 75 10.63 -2.83 -23.89
CA VAL A 75 11.80 -3.62 -24.30
C VAL A 75 12.10 -4.70 -23.27
N ASP A 76 12.19 -4.31 -22.02
CA ASP A 76 12.57 -5.21 -20.98
C ASP A 76 11.64 -6.38 -20.81
N LEU A 77 10.35 -6.17 -20.88
CA LEU A 77 9.40 -7.29 -20.84
C LEU A 77 9.66 -8.28 -21.97
N ARG A 78 10.10 -7.78 -23.13
CA ARG A 78 10.44 -8.70 -24.22
C ARG A 78 11.77 -9.38 -23.93
N THR A 79 12.76 -8.62 -23.46
CA THR A 79 14.04 -9.22 -23.08
C THR A 79 13.86 -10.32 -22.02
N ALA A 80 12.90 -10.15 -21.11
CA ALA A 80 12.71 -11.15 -20.07
C ALA A 80 12.05 -12.41 -20.61
N LEU A 81 11.17 -12.28 -21.61
CA LEU A 81 10.52 -13.46 -22.18
C LEU A 81 11.53 -14.42 -22.80
N ARG A 82 12.61 -13.90 -23.38
CA ARG A 82 13.56 -14.81 -24.03
C ARG A 82 14.56 -15.38 -23.03
N TYR A 83 15.02 -14.59 -22.06
CA TYR A 83 15.94 -15.11 -21.04
C TYR A 83 15.39 -16.38 -20.39
N TYR A 84 14.15 -16.32 -19.94
CA TYR A 84 13.50 -17.46 -19.33
C TYR A 84 12.84 -18.39 -20.34
N ASN A 85 13.02 -18.13 -21.64
CA ASN A 85 12.50 -18.95 -22.73
C ASN A 85 11.05 -19.34 -22.50
N GLN A 86 10.21 -18.32 -22.39
CA GLN A 86 8.79 -18.49 -22.12
C GLN A 86 7.97 -18.25 -23.38
N SER A 87 6.74 -18.77 -23.38
CA SER A 87 5.79 -18.48 -24.43
C SER A 87 5.53 -16.97 -24.52
N ALA A 88 5.26 -16.50 -25.72
CA ALA A 88 5.00 -15.08 -25.95
C ALA A 88 3.54 -14.70 -25.70
N GLY A 89 2.64 -15.67 -25.55
CA GLY A 89 1.23 -15.38 -25.41
C GLY A 89 0.71 -15.16 -24.01
N GLY A 90 1.58 -15.17 -22.99
CA GLY A 90 1.12 -15.02 -21.62
C GLY A 90 1.48 -13.68 -20.99
N SER A 91 0.76 -13.33 -19.92
CA SER A 91 0.98 -12.07 -19.24
C SER A 91 2.11 -12.19 -18.22
N HIS A 92 2.93 -11.15 -18.12
CA HIS A 92 4.03 -11.12 -17.19
C HIS A 92 4.12 -9.76 -16.53
N THR A 93 4.97 -9.67 -15.50
CA THR A 93 5.03 -8.53 -14.61
C THR A 93 6.48 -8.16 -14.37
N LEU A 94 6.81 -6.88 -14.52
CA LEU A 94 8.11 -6.35 -14.15
C LEU A 94 7.89 -5.19 -13.17
N GLN A 95 8.47 -5.30 -11.98
CA GLN A 95 8.31 -4.28 -10.95
C GLN A 95 9.66 -3.66 -10.61
N TRP A 96 9.63 -2.37 -10.29
CA TRP A 96 10.85 -1.60 -10.06
C TRP A 96 10.62 -0.68 -8.87
N MET A 97 11.48 -0.80 -7.86
CA MET A 97 11.44 0.07 -6.70
C MET A 97 12.76 0.82 -6.63
N ALA A 98 12.69 2.13 -6.46
CA ALA A 98 13.88 2.95 -6.39
C ALA A 98 13.61 4.12 -5.46
N GLY A 99 14.62 4.50 -4.68
CA GLY A 99 14.47 5.65 -3.82
C GLY A 99 15.60 5.74 -2.81
N CYS A 100 15.45 6.71 -1.90
CA CYS A 100 16.47 7.03 -0.93
C CYS A 100 15.84 7.22 0.44
N ASP A 101 16.48 6.65 1.47
CA ASP A 101 16.18 6.96 2.86
C ASP A 101 17.28 7.86 3.41
N VAL A 102 16.90 8.77 4.30
CA VAL A 102 17.77 9.85 4.76
C VAL A 102 17.71 9.93 6.28
N GLU A 103 18.86 10.20 6.91
CA GLU A 103 18.88 10.44 8.33
C GLU A 103 18.74 11.94 8.62
N SER A 104 18.64 12.26 9.92
CA SER A 104 18.14 13.57 10.34
C SER A 104 18.86 14.73 9.67
N ASP A 105 20.20 14.64 9.57
CA ASP A 105 20.99 15.73 9.01
C ASP A 105 20.54 16.06 7.59
N GLY A 106 20.51 15.07 6.72
CA GLY A 106 19.97 15.28 5.39
C GLY A 106 20.63 14.46 4.30
N ARG A 107 21.81 13.93 4.57
CA ARG A 107 22.52 13.16 3.56
C ARG A 107 22.14 11.68 3.67
N LEU A 108 22.50 10.93 2.62
CA LEU A 108 21.94 9.61 2.40
C LEU A 108 22.19 8.67 3.57
N LEU A 109 21.27 7.72 3.75
CA LEU A 109 21.40 6.62 4.70
C LEU A 109 21.33 5.26 4.02
N ARG A 110 20.37 5.07 3.11
CA ARG A 110 20.32 3.87 2.29
C ARG A 110 19.76 4.24 0.92
N GLY A 111 20.36 3.68 -0.13
CA GLY A 111 19.87 3.82 -1.49
C GLY A 111 19.29 2.51 -1.97
N TYR A 112 18.16 2.59 -2.67
CA TYR A 112 17.48 1.41 -3.18
C TYR A 112 17.35 1.53 -4.70
N TRP A 113 17.24 0.37 -5.34
CA TRP A 113 17.15 0.26 -6.79
C TRP A 113 17.13 -1.20 -7.17
N GLN A 114 15.95 -1.82 -7.13
CA GLN A 114 15.83 -3.26 -7.29
C GLN A 114 14.65 -3.59 -8.19
N PHE A 115 14.72 -4.74 -8.84
CA PHE A 115 13.72 -5.19 -9.79
C PHE A 115 13.21 -6.57 -9.40
N ALA A 116 11.99 -6.86 -9.83
CA ALA A 116 11.38 -8.18 -9.63
C ALA A 116 10.65 -8.56 -10.89
N TYR A 117 10.74 -9.85 -11.24
CA TYR A 117 10.05 -10.41 -12.39
C TYR A 117 9.03 -11.43 -11.90
N ASP A 118 7.80 -11.31 -12.38
CA ASP A 118 6.69 -12.20 -12.01
C ASP A 118 6.59 -12.41 -10.50
N GLY A 119 6.83 -11.35 -9.74
CA GLY A 119 6.71 -11.39 -8.30
C GLY A 119 7.92 -11.92 -7.55
N CYS A 120 8.97 -12.33 -8.24
CA CYS A 120 10.18 -12.84 -7.61
C CYS A 120 11.33 -11.88 -7.85
N ASP A 121 12.17 -11.71 -6.83
CA ASP A 121 13.40 -10.94 -6.96
C ASP A 121 14.12 -11.26 -8.26
N TYR A 122 14.62 -10.21 -8.92
CA TYR A 122 15.42 -10.37 -10.13
C TYR A 122 16.81 -9.77 -9.96
N ILE A 123 16.94 -8.47 -9.75
CA ILE A 123 18.26 -7.88 -9.50
C ILE A 123 18.10 -6.67 -8.60
N ALA A 124 19.05 -6.48 -7.68
CA ALA A 124 18.99 -5.43 -6.67
C ALA A 124 20.36 -4.84 -6.43
N LEU A 125 20.40 -3.53 -6.22
CA LEU A 125 21.66 -2.82 -5.95
C LEU A 125 22.01 -2.93 -4.48
N ASN A 126 23.20 -3.44 -4.18
CA ASN A 126 23.63 -3.65 -2.81
C ASN A 126 23.79 -2.33 -2.07
N GLU A 127 24.00 -2.44 -0.75
CA GLU A 127 24.15 -1.26 0.09
C GLU A 127 25.35 -0.41 -0.32
N ASP A 128 26.37 -1.03 -0.91
CA ASP A 128 27.55 -0.27 -1.31
C ASP A 128 27.27 0.70 -2.45
N LEU A 129 26.14 0.52 -3.14
CA LEU A 129 25.83 1.28 -4.35
C LEU A 129 26.91 1.11 -5.41
N LYS A 130 27.59 -0.03 -5.37
CA LYS A 130 28.71 -0.29 -6.26
C LYS A 130 28.57 -1.64 -6.98
N THR A 131 27.88 -2.60 -6.37
CA THR A 131 27.73 -3.94 -6.93
C THR A 131 26.26 -4.34 -6.95
N TRP A 132 25.97 -5.44 -7.65
CA TRP A 132 24.63 -5.93 -7.86
C TRP A 132 24.49 -7.36 -7.34
N THR A 133 23.29 -7.69 -6.85
CA THR A 133 22.94 -9.04 -6.42
C THR A 133 21.92 -9.60 -7.40
N ALA A 134 22.27 -10.72 -8.04
CA ALA A 134 21.40 -11.35 -9.02
C ALA A 134 20.78 -12.62 -8.43
N ALA A 135 19.55 -12.91 -8.86
CA ALA A 135 18.80 -14.00 -8.25
C ALA A 135 18.91 -15.31 -9.01
N ASP A 136 19.21 -15.26 -10.31
CA ASP A 136 19.38 -16.45 -11.13
C ASP A 136 20.28 -16.10 -12.30
N MET A 137 20.40 -17.04 -13.25
CA MET A 137 21.33 -16.85 -14.36
C MET A 137 20.84 -15.76 -15.31
N ALA A 138 19.53 -15.61 -15.46
CA ALA A 138 18.99 -14.54 -16.30
C ALA A 138 19.48 -13.18 -15.81
N ALA A 139 19.33 -12.90 -14.52
CA ALA A 139 19.78 -11.63 -13.98
C ALA A 139 21.30 -11.50 -13.96
N GLN A 140 22.03 -12.60 -14.11
CA GLN A 140 23.48 -12.52 -14.24
C GLN A 140 23.89 -11.86 -15.55
N ILE A 141 23.18 -12.18 -16.64
CA ILE A 141 23.33 -11.45 -17.89
C ILE A 141 23.15 -9.95 -17.65
N THR A 142 22.00 -9.58 -17.09
CA THR A 142 21.73 -8.18 -16.79
C THR A 142 22.85 -7.59 -15.94
N ARG A 143 23.34 -8.34 -14.96
CA ARG A 143 24.35 -7.82 -14.05
C ARG A 143 25.62 -7.44 -14.78
N ARG A 144 26.18 -8.36 -15.58
CA ARG A 144 27.44 -8.06 -16.27
C ARG A 144 27.26 -6.97 -17.30
N LYS A 145 26.13 -6.97 -18.01
CA LYS A 145 25.83 -5.88 -18.94
C LYS A 145 25.84 -4.54 -18.22
N TRP A 146 25.09 -4.43 -17.11
CA TRP A 146 25.07 -3.20 -16.33
C TRP A 146 26.44 -2.91 -15.73
N GLU A 147 27.21 -3.96 -15.40
CA GLU A 147 28.59 -3.74 -14.96
C GLU A 147 29.42 -3.12 -16.10
N GLN A 148 29.32 -3.70 -17.29
CA GLN A 148 30.06 -3.17 -18.43
C GLN A 148 29.66 -1.73 -18.74
N ALA A 149 28.35 -1.43 -18.67
CA ALA A 149 27.84 -0.11 -19.00
C ALA A 149 28.17 0.94 -17.93
N GLY A 150 28.37 0.53 -16.68
CA GLY A 150 28.59 1.48 -15.61
C GLY A 150 27.29 1.95 -14.97
N ALA A 151 26.33 1.04 -14.86
CA ALA A 151 25.00 1.41 -14.40
C ALA A 151 24.99 1.85 -12.94
N ALA A 152 25.91 1.36 -12.13
CA ALA A 152 25.90 1.71 -10.71
C ALA A 152 26.26 3.19 -10.49
N GLU A 153 27.23 3.70 -11.24
CA GLU A 153 27.62 5.11 -11.06
C GLU A 153 26.47 6.04 -11.38
N ARG A 154 25.86 5.87 -12.56
CA ARG A 154 24.73 6.69 -12.96
C ARG A 154 23.59 6.55 -11.97
N ASP A 155 23.27 5.32 -11.56
CA ASP A 155 22.21 5.11 -10.60
C ASP A 155 22.57 5.70 -9.24
N ARG A 156 23.83 5.57 -8.83
CA ARG A 156 24.28 6.13 -7.56
C ARG A 156 24.26 7.65 -7.60
N ALA A 157 24.53 8.25 -8.75
CA ALA A 157 24.46 9.70 -8.86
C ALA A 157 23.07 10.20 -8.50
N TYR A 158 22.04 9.50 -8.98
CA TYR A 158 20.66 9.87 -8.64
C TYR A 158 20.43 9.78 -7.13
N LEU A 159 20.71 8.61 -6.55
CA LEU A 159 20.32 8.37 -5.16
C LEU A 159 21.03 9.32 -4.19
N GLU A 160 22.32 9.55 -4.39
CA GLU A 160 23.06 10.37 -3.45
C GLU A 160 22.83 11.85 -3.69
N GLY A 161 22.55 12.25 -4.92
CA GLY A 161 22.42 13.65 -5.30
C GLY A 161 20.96 14.05 -5.38
N GLU A 162 20.33 13.81 -6.55
CA GLU A 162 19.01 14.35 -6.83
C GLU A 162 17.95 13.86 -5.83
N CYS A 163 17.78 12.53 -5.72
CA CYS A 163 16.78 11.95 -4.82
C CYS A 163 16.85 12.58 -3.43
N VAL A 164 18.05 12.60 -2.86
CA VAL A 164 18.26 13.24 -1.56
C VAL A 164 17.89 14.70 -1.63
N GLU A 165 18.25 15.38 -2.72
CA GLU A 165 18.01 16.82 -2.79
C GLU A 165 16.52 17.14 -2.89
N TRP A 166 15.79 16.42 -3.74
CA TRP A 166 14.39 16.73 -3.94
C TRP A 166 13.55 16.32 -2.73
N LEU A 167 13.89 15.21 -2.08
CA LEU A 167 13.22 14.85 -0.84
C LEU A 167 13.35 15.96 0.18
N ARG A 168 14.50 16.63 0.21
CA ARG A 168 14.68 17.75 1.13
C ARG A 168 13.69 18.86 0.80
N ARG A 169 13.41 19.09 -0.48
CA ARG A 169 12.46 20.11 -0.91
C ARG A 169 11.02 19.69 -0.69
N TYR A 170 10.71 18.40 -0.93
CA TYR A 170 9.36 17.90 -0.68
C TYR A 170 8.98 18.06 0.79
N LEU A 171 9.93 17.81 1.70
CA LEU A 171 9.61 17.90 3.11
C LEU A 171 9.38 19.33 3.54
N LYS A 172 10.17 20.27 3.01
CA LYS A 172 9.93 21.68 3.34
C LYS A 172 8.57 22.14 2.83
N ASN A 173 8.27 21.87 1.54
CA ASN A 173 7.04 22.37 0.97
C ASN A 173 5.81 21.59 1.43
N GLY A 174 5.98 20.37 1.93
CA GLY A 174 4.82 19.57 2.29
C GLY A 174 4.77 19.20 3.76
N ASN A 175 5.55 19.90 4.60
CA ASN A 175 5.70 19.53 6.00
C ASN A 175 4.36 19.47 6.73
N ALA A 176 3.41 20.34 6.36
CA ALA A 176 2.20 20.45 7.15
C ALA A 176 1.33 19.21 7.01
N THR A 177 1.25 18.67 5.80
CA THR A 177 0.50 17.45 5.57
C THR A 177 1.35 16.20 5.84
N LEU A 178 2.59 16.22 5.36
CA LEU A 178 3.47 15.06 5.52
C LEU A 178 3.73 14.76 6.99
N LEU A 179 4.20 15.75 7.74
CA LEU A 179 4.68 15.56 9.10
C LEU A 179 3.62 15.89 10.14
N ARG A 180 2.36 16.08 9.73
CA ARG A 180 1.30 16.28 10.69
C ARG A 180 1.15 15.03 11.56
N THR A 181 0.41 15.18 12.64
CA THR A 181 0.24 14.11 13.61
C THR A 181 -1.22 14.14 14.07
N ASP A 182 -1.95 13.09 13.73
CA ASP A 182 -3.35 12.99 14.11
C ASP A 182 -3.47 11.92 15.19
N PRO A 183 -3.79 12.29 16.42
CA PRO A 183 -3.87 11.28 17.48
C PRO A 183 -5.04 10.35 17.23
N PRO A 184 -4.93 9.08 17.59
CA PRO A 184 -6.07 8.17 17.44
C PRO A 184 -7.18 8.51 18.43
N LYS A 185 -8.41 8.41 17.96
CA LYS A 185 -9.56 8.45 18.86
C LYS A 185 -9.95 7.01 19.16
N ALA A 186 -9.99 6.66 20.44
CA ALA A 186 -10.16 5.28 20.86
C ALA A 186 -11.48 5.10 21.60
N HIS A 187 -11.98 3.86 21.57
CA HIS A 187 -13.16 3.47 22.34
C HIS A 187 -13.28 1.96 22.28
N VAL A 188 -14.04 1.41 23.23
CA VAL A 188 -14.17 -0.02 23.43
C VAL A 188 -15.63 -0.41 23.25
N THR A 189 -15.87 -1.51 22.54
CA THR A 189 -17.22 -2.01 22.32
C THR A 189 -17.39 -3.39 22.94
N HIS A 190 -18.63 -3.72 23.25
CA HIS A 190 -19.01 -4.91 24.00
C HIS A 190 -19.81 -5.84 23.11
N HIS A 191 -19.53 -7.14 23.17
CA HIS A 191 -20.15 -8.09 22.26
C HIS A 191 -20.32 -9.42 22.97
N ARG A 192 -21.54 -9.71 23.41
CA ARG A 192 -21.84 -10.99 24.05
C ARG A 192 -21.85 -12.08 22.99
N ARG A 193 -20.98 -13.08 23.14
CA ARG A 193 -20.92 -14.17 22.19
C ARG A 193 -21.82 -15.33 22.62
N PRO A 194 -22.13 -16.26 21.71
CA PRO A 194 -23.01 -17.37 22.10
C PRO A 194 -22.42 -18.29 23.16
N GLU A 195 -21.11 -18.52 23.13
CA GLU A 195 -20.45 -19.46 24.05
C GLU A 195 -20.70 -19.09 25.51
N GLY A 196 -21.16 -17.87 25.74
CA GLY A 196 -21.47 -17.39 27.07
C GLY A 196 -20.49 -16.34 27.60
N ASP A 197 -19.33 -16.23 26.98
CA ASP A 197 -18.33 -15.23 27.36
C ASP A 197 -18.58 -13.95 26.56
N VAL A 198 -17.59 -13.07 26.48
CA VAL A 198 -17.73 -11.76 25.85
C VAL A 198 -16.52 -11.50 24.97
N THR A 199 -16.70 -10.68 23.94
CA THR A 199 -15.60 -10.12 23.17
C THR A 199 -15.53 -8.62 23.43
N LEU A 200 -14.42 -8.18 24.02
CA LEU A 200 -14.12 -6.76 24.15
C LEU A 200 -13.27 -6.34 22.96
N ARG A 201 -13.77 -5.38 22.19
CA ARG A 201 -13.04 -4.88 21.03
C ARG A 201 -12.60 -3.45 21.28
N CYS A 202 -11.30 -3.20 21.12
CA CYS A 202 -10.69 -1.90 21.34
C CYS A 202 -10.36 -1.29 19.99
N TRP A 203 -10.98 -0.15 19.70
CA TRP A 203 -10.85 0.51 18.40
C TRP A 203 -9.90 1.71 18.48
N ALA A 204 -9.11 1.89 17.43
CA ALA A 204 -8.38 3.13 17.19
C ALA A 204 -8.79 3.67 15.83
N LEU A 205 -9.12 4.95 15.77
CA LEU A 205 -9.68 5.53 14.55
C LEU A 205 -9.06 6.87 14.24
N GLY A 206 -8.99 7.18 12.95
CA GLY A 206 -8.66 8.52 12.48
C GLY A 206 -7.25 9.00 12.70
N PHE A 207 -6.28 8.10 12.83
CA PHE A 207 -4.92 8.49 13.19
C PHE A 207 -3.98 8.57 11.98
N TYR A 208 -2.91 9.32 12.17
CA TYR A 208 -1.83 9.50 11.19
C TYR A 208 -0.58 9.90 11.96
N PRO A 209 0.58 9.32 11.63
CA PRO A 209 0.80 8.34 10.56
C PRO A 209 0.34 6.92 10.91
N ALA A 210 0.85 5.92 10.19
CA ALA A 210 0.24 4.59 10.24
C ALA A 210 0.68 3.79 11.46
N ASP A 211 1.96 3.88 11.85
CA ASP A 211 2.47 3.05 12.93
C ASP A 211 1.67 3.21 14.22
N ILE A 212 1.40 2.09 14.88
CA ILE A 212 0.59 2.08 16.10
C ILE A 212 0.79 0.73 16.77
N THR A 213 0.57 0.67 18.07
CA THR A 213 0.56 -0.61 18.78
C THR A 213 -0.67 -0.66 19.67
N LEU A 214 -1.48 -1.70 19.50
CA LEU A 214 -2.61 -2.02 20.37
C LEU A 214 -2.22 -3.21 21.23
N THR A 215 -2.50 -3.10 22.53
CA THR A 215 -2.15 -4.15 23.48
C THR A 215 -3.25 -4.24 24.52
N TRP A 216 -3.60 -5.48 24.90
CA TRP A 216 -4.57 -5.74 25.95
C TRP A 216 -3.83 -6.26 27.17
N GLN A 217 -3.99 -5.57 28.29
CA GLN A 217 -3.42 -6.00 29.57
C GLN A 217 -4.48 -6.64 30.45
N LEU A 218 -4.02 -7.39 31.44
CA LEU A 218 -4.85 -7.87 32.55
C LEU A 218 -4.00 -7.80 33.81
N ASN A 219 -4.42 -6.96 34.77
CA ASN A 219 -3.63 -6.69 35.97
C ASN A 219 -2.17 -6.39 35.62
N GLY A 220 -1.97 -5.67 34.51
CA GLY A 220 -0.64 -5.24 34.11
C GLY A 220 0.11 -6.20 33.20
N GLU A 221 -0.45 -7.36 32.89
CA GLU A 221 0.21 -8.35 32.06
C GLU A 221 -0.36 -8.33 30.66
N GLU A 222 0.51 -8.18 29.67
CA GLU A 222 0.07 -8.18 28.28
C GLU A 222 -0.41 -9.56 27.85
N LEU A 223 -1.49 -9.59 27.07
CA LEU A 223 -2.15 -10.82 26.66
C LEU A 223 -1.97 -11.01 25.15
N THR A 224 -0.74 -11.27 24.74
CA THR A 224 -0.38 -11.24 23.33
C THR A 224 -0.82 -12.49 22.56
N GLN A 225 -1.23 -13.55 23.24
CA GLN A 225 -1.58 -14.78 22.53
C GLN A 225 -3.08 -14.89 22.27
N GLU A 226 -3.91 -14.65 23.28
CA GLU A 226 -5.36 -14.74 23.11
C GLU A 226 -5.95 -13.52 22.40
N MET A 227 -5.11 -12.59 21.95
CA MET A 227 -5.57 -11.36 21.33
C MET A 227 -5.83 -11.56 19.84
N GLU A 228 -6.81 -10.82 19.32
CA GLU A 228 -7.12 -10.78 17.90
C GLU A 228 -6.84 -9.37 17.38
N LEU A 229 -6.40 -9.29 16.12
CA LEU A 229 -5.72 -8.08 15.65
C LEU A 229 -5.79 -8.04 14.13
N VAL A 230 -6.45 -7.03 13.57
CA VAL A 230 -6.49 -6.85 12.12
C VAL A 230 -5.28 -6.03 11.68
N GLU A 231 -4.95 -6.15 10.39
CA GLU A 231 -3.93 -5.30 9.81
C GLU A 231 -4.42 -3.86 9.75
N THR A 232 -3.50 -2.91 9.98
CA THR A 232 -3.83 -1.51 9.84
C THR A 232 -4.33 -1.22 8.43
N ARG A 233 -5.41 -0.47 8.33
CA ARG A 233 -6.10 -0.28 7.07
C ARG A 233 -6.34 1.20 6.83
N PRO A 234 -6.43 1.62 5.56
CA PRO A 234 -6.62 3.04 5.25
C PRO A 234 -8.10 3.42 5.35
N ALA A 235 -8.37 4.55 6.02
CA ALA A 235 -9.74 5.03 6.11
C ALA A 235 -10.27 5.56 4.78
N GLY A 236 -9.38 5.97 3.88
CA GLY A 236 -9.75 6.60 2.64
C GLY A 236 -9.57 8.11 2.62
N ASP A 237 -9.36 8.74 3.78
CA ASP A 237 -9.21 10.18 3.88
C ASP A 237 -7.80 10.59 4.32
N GLY A 238 -6.84 9.67 4.23
CA GLY A 238 -5.48 9.94 4.65
C GLY A 238 -5.12 9.43 6.03
N THR A 239 -6.13 9.09 6.85
CA THR A 239 -5.91 8.53 8.16
C THR A 239 -6.14 7.02 8.15
N PHE A 240 -5.88 6.38 9.29
CA PHE A 240 -5.86 4.93 9.37
C PHE A 240 -6.69 4.47 10.57
N GLN A 241 -7.02 3.17 10.58
CA GLN A 241 -7.77 2.57 11.67
C GLN A 241 -7.27 1.15 11.92
N LYS A 242 -7.57 0.67 13.13
CA LYS A 242 -7.14 -0.64 13.60
C LYS A 242 -7.98 -1.00 14.83
N TRP A 243 -8.21 -2.30 15.02
CA TRP A 243 -8.85 -2.74 16.25
C TRP A 243 -8.18 -4.02 16.77
N ALA A 244 -8.23 -4.20 18.09
CA ALA A 244 -7.72 -5.38 18.77
C ALA A 244 -8.77 -5.85 19.78
N SER A 245 -8.98 -7.17 19.84
CA SER A 245 -10.04 -7.73 20.67
C SER A 245 -9.49 -8.86 21.54
N VAL A 246 -10.25 -9.17 22.60
CA VAL A 246 -9.98 -10.32 23.47
C VAL A 246 -11.31 -10.89 23.96
N VAL A 247 -11.26 -12.15 24.41
CA VAL A 247 -12.42 -12.85 24.96
C VAL A 247 -12.24 -12.94 26.48
N VAL A 248 -13.25 -12.50 27.22
CA VAL A 248 -13.17 -12.43 28.68
C VAL A 248 -14.44 -12.97 29.30
N PRO A 249 -14.36 -13.45 30.56
CA PRO A 249 -15.56 -13.90 31.25
C PRO A 249 -16.53 -12.76 31.54
N LEU A 250 -17.81 -13.11 31.58
CA LEU A 250 -18.85 -12.12 31.87
C LEU A 250 -18.80 -11.74 33.34
N GLY A 251 -18.63 -10.44 33.61
CA GLY A 251 -18.58 -9.89 34.96
C GLY A 251 -17.25 -9.25 35.30
N LYS A 252 -16.15 -9.76 34.74
CA LYS A 252 -14.82 -9.28 35.02
C LYS A 252 -14.30 -8.31 33.95
N GLU A 253 -15.19 -7.74 33.13
CA GLU A 253 -14.75 -6.89 32.02
C GLU A 253 -13.91 -5.72 32.52
N GLN A 254 -14.26 -5.17 33.68
CA GLN A 254 -13.55 -4.03 34.23
C GLN A 254 -12.13 -4.37 34.67
N LYS A 255 -11.70 -5.63 34.57
CA LYS A 255 -10.33 -6.00 34.90
C LYS A 255 -9.36 -5.74 33.76
N TYR A 256 -9.84 -5.69 32.52
CA TYR A 256 -8.99 -5.62 31.34
C TYR A 256 -8.89 -4.18 30.84
N THR A 257 -7.70 -3.80 30.40
CA THR A 257 -7.43 -2.45 29.91
C THR A 257 -6.68 -2.51 28.59
N CYS A 258 -7.09 -1.65 27.65
CA CYS A 258 -6.48 -1.54 26.34
C CYS A 258 -5.51 -0.37 26.34
N HIS A 259 -4.33 -0.58 25.75
CA HIS A 259 -3.29 0.44 25.68
C HIS A 259 -2.97 0.76 24.23
N VAL A 260 -3.05 2.04 23.89
CA VAL A 260 -2.87 2.53 22.53
C VAL A 260 -1.64 3.43 22.52
N GLU A 261 -0.63 3.05 21.74
CA GLU A 261 0.59 3.85 21.59
C GLU A 261 0.70 4.38 20.17
N HIS A 262 0.88 5.70 20.05
CA HIS A 262 0.98 6.37 18.77
C HIS A 262 1.83 7.63 18.95
N GLU A 263 2.60 7.99 17.92
CA GLU A 263 3.51 9.11 18.09
C GLU A 263 2.78 10.44 18.25
N GLY A 264 1.48 10.47 17.98
CA GLY A 264 0.65 11.61 18.33
C GLY A 264 0.24 11.71 19.78
N LEU A 265 0.60 10.73 20.59
CA LEU A 265 0.23 10.70 22.00
C LEU A 265 1.46 10.93 22.85
N PRO A 266 1.51 11.97 23.69
CA PRO A 266 2.61 12.09 24.64
C PRO A 266 2.65 10.96 25.63
N GLU A 267 1.50 10.33 25.89
CA GLU A 267 1.36 9.20 26.79
C GLU A 267 0.34 8.22 26.21
N PRO A 268 0.58 6.92 26.35
CA PRO A 268 -0.37 5.95 25.83
C PRO A 268 -1.74 6.10 26.47
N LEU A 269 -2.78 6.05 25.65
CA LEU A 269 -4.14 6.05 26.17
C LEU A 269 -4.43 4.74 26.89
N THR A 270 -5.28 4.82 27.90
CA THR A 270 -5.77 3.64 28.60
C THR A 270 -7.28 3.74 28.70
N LEU A 271 -7.97 2.64 28.43
CA LEU A 271 -9.42 2.64 28.49
C LEU A 271 -9.91 1.29 28.97
N ARG A 272 -11.05 1.30 29.65
CA ARG A 272 -11.81 0.13 30.04
C ARG A 272 -13.14 0.12 29.32
N TRP A 273 -13.89 -0.96 29.48
CA TRP A 273 -15.25 -1.01 28.99
C TRP A 273 -16.16 -0.14 29.86
N ILE B 1 -2.50 -18.58 -9.27
CA ILE B 1 -1.09 -18.45 -9.61
C ILE B 1 -0.25 -18.47 -8.32
N GLN B 2 0.09 -17.31 -7.74
CA GLN B 2 1.04 -17.32 -6.63
C GLN B 2 0.44 -16.87 -5.30
N LYS B 3 0.30 -15.55 -5.09
CA LYS B 3 -0.06 -15.02 -3.77
C LYS B 3 -1.57 -14.76 -3.70
N THR B 4 -2.21 -15.32 -2.68
CA THR B 4 -3.67 -15.23 -2.52
C THR B 4 -4.05 -13.94 -1.80
N PRO B 5 -5.06 -13.21 -2.27
CA PRO B 5 -5.41 -11.92 -1.67
C PRO B 5 -5.96 -12.06 -0.26
N GLN B 6 -5.91 -10.94 0.46
CA GLN B 6 -6.49 -10.77 1.79
C GLN B 6 -7.49 -9.63 1.73
N ILE B 7 -8.65 -9.82 2.36
CA ILE B 7 -9.78 -8.92 2.17
C ILE B 7 -10.26 -8.41 3.53
N GLN B 8 -10.51 -7.10 3.61
CA GLN B 8 -11.19 -6.48 4.73
C GLN B 8 -12.29 -5.60 4.19
N VAL B 9 -13.49 -5.69 4.76
CA VAL B 9 -14.60 -4.82 4.38
C VAL B 9 -15.01 -4.03 5.62
N TYR B 10 -14.91 -2.71 5.54
CA TYR B 10 -15.12 -1.83 6.67
C TYR B 10 -15.63 -0.49 6.16
N SER B 11 -16.21 0.29 7.07
CA SER B 11 -16.68 1.63 6.75
C SER B 11 -15.68 2.68 7.21
N ARG B 12 -15.73 3.85 6.57
CA ARG B 12 -14.80 4.92 6.92
C ARG B 12 -15.13 5.50 8.29
N HIS B 13 -16.26 6.13 8.38
CA HIS B 13 -16.76 6.69 9.63
C HIS B 13 -17.61 5.65 10.36
N PRO B 14 -17.69 5.72 11.68
CA PRO B 14 -18.45 4.71 12.45
C PRO B 14 -19.87 4.60 11.95
N PRO B 15 -20.38 3.39 11.79
CA PRO B 15 -21.68 3.20 11.13
C PRO B 15 -22.83 3.43 12.10
N GLU B 16 -23.82 4.19 11.64
CA GLU B 16 -25.08 4.31 12.35
C GLU B 16 -26.16 4.51 11.30
N ASN B 17 -27.24 3.74 11.41
CA ASN B 17 -28.25 3.65 10.36
C ASN B 17 -28.75 5.02 9.94
N GLY B 18 -28.98 5.18 8.64
CA GLY B 18 -29.45 6.43 8.05
C GLY B 18 -28.36 7.39 7.60
N LYS B 19 -27.29 7.52 8.37
CA LYS B 19 -26.24 8.46 8.03
C LYS B 19 -25.44 7.94 6.85
N PRO B 20 -25.21 8.76 5.81
CA PRO B 20 -24.47 8.26 4.63
C PRO B 20 -22.99 8.13 4.89
N ASN B 21 -22.53 6.90 4.97
CA ASN B 21 -21.14 6.59 5.22
C ASN B 21 -20.44 6.25 3.89
N ILE B 22 -19.32 5.55 3.96
CA ILE B 22 -18.54 5.16 2.77
C ILE B 22 -17.91 3.80 3.05
N LEU B 23 -18.27 2.80 2.25
CA LEU B 23 -17.83 1.43 2.48
C LEU B 23 -16.52 1.17 1.75
N ASN B 24 -15.58 0.51 2.44
CA ASN B 24 -14.24 0.24 1.92
C ASN B 24 -14.03 -1.26 1.77
N CYS B 25 -13.40 -1.65 0.66
CA CYS B 25 -12.90 -3.01 0.47
C CYS B 25 -11.39 -2.92 0.25
N TYR B 26 -10.63 -3.55 1.14
CA TYR B 26 -9.17 -3.44 1.18
C TYR B 26 -8.59 -4.80 0.85
N VAL B 27 -7.86 -4.89 -0.26
CA VAL B 27 -7.36 -6.14 -0.81
C VAL B 27 -5.84 -6.07 -0.88
N THR B 28 -5.15 -7.04 -0.28
CA THR B 28 -3.70 -6.93 -0.12
C THR B 28 -3.01 -8.25 -0.42
N GLN B 29 -1.70 -8.16 -0.70
CA GLN B 29 -0.77 -9.29 -0.69
C GLN B 29 -1.11 -10.34 -1.74
N PHE B 30 -1.52 -9.91 -2.92
CA PHE B 30 -1.77 -10.86 -4.01
C PHE B 30 -0.81 -10.61 -5.16
N HIS B 31 -0.80 -11.58 -6.08
CA HIS B 31 0.05 -11.55 -7.26
C HIS B 31 -0.39 -12.71 -8.13
N PRO B 32 -0.59 -12.47 -9.45
CA PRO B 32 -0.35 -11.31 -10.30
C PRO B 32 -1.28 -10.11 -10.05
N PRO B 33 -0.98 -8.96 -10.67
CA PRO B 33 -1.78 -7.76 -10.37
C PRO B 33 -3.20 -7.81 -10.88
N HIS B 34 -3.51 -8.58 -11.92
CA HIS B 34 -4.87 -8.62 -12.45
C HIS B 34 -5.82 -9.22 -11.43
N ILE B 35 -6.91 -8.50 -11.14
CA ILE B 35 -7.81 -8.86 -10.06
C ILE B 35 -9.15 -8.22 -10.33
N GLU B 36 -10.22 -8.86 -9.87
CA GLU B 36 -11.58 -8.46 -10.17
C GLU B 36 -12.34 -8.31 -8.87
N ILE B 37 -12.81 -7.10 -8.59
CA ILE B 37 -13.42 -6.74 -7.32
C ILE B 37 -14.83 -6.24 -7.58
N GLN B 38 -15.80 -6.80 -6.86
CA GLN B 38 -17.19 -6.38 -6.95
C GLN B 38 -17.71 -6.13 -5.55
N MET B 39 -18.41 -5.02 -5.38
CA MET B 39 -19.00 -4.66 -4.10
C MET B 39 -20.52 -4.76 -4.22
N LEU B 40 -21.15 -5.37 -3.22
CA LEU B 40 -22.53 -5.79 -3.34
C LEU B 40 -23.38 -5.19 -2.22
N LYS B 41 -24.59 -4.75 -2.57
CA LYS B 41 -25.67 -4.47 -1.63
C LYS B 41 -26.80 -5.43 -1.95
N ASN B 42 -27.04 -6.39 -1.04
CA ASN B 42 -28.11 -7.38 -1.20
C ASN B 42 -27.95 -8.15 -2.51
N GLY B 43 -26.77 -8.76 -2.67
CA GLY B 43 -26.46 -9.56 -3.85
C GLY B 43 -26.65 -8.84 -5.17
N LYS B 44 -26.44 -7.52 -5.19
CA LYS B 44 -26.63 -6.72 -6.39
C LYS B 44 -25.44 -5.80 -6.54
N LYS B 45 -24.75 -5.92 -7.68
CA LYS B 45 -23.52 -5.17 -7.90
C LYS B 45 -23.78 -3.67 -7.94
N ILE B 46 -22.93 -2.92 -7.25
CA ILE B 46 -23.03 -1.46 -7.16
C ILE B 46 -22.29 -0.83 -8.33
N PRO B 47 -22.89 0.12 -9.05
CA PRO B 47 -22.29 0.55 -10.32
C PRO B 47 -21.07 1.45 -10.18
N LYS B 48 -21.12 2.45 -9.29
CA LYS B 48 -20.04 3.44 -9.16
C LYS B 48 -19.11 3.01 -8.03
N VAL B 49 -18.08 2.23 -8.37
CA VAL B 49 -17.07 1.78 -7.44
C VAL B 49 -15.73 2.36 -7.86
N GLU B 50 -15.17 3.24 -7.02
CA GLU B 50 -13.89 3.87 -7.28
C GLU B 50 -12.74 2.98 -6.82
N MET B 51 -11.58 3.19 -7.44
CA MET B 51 -10.34 2.53 -7.06
C MET B 51 -9.37 3.57 -6.52
N SER B 52 -8.34 3.08 -5.83
CA SER B 52 -7.46 3.94 -5.04
C SER B 52 -6.29 3.10 -4.52
N ASP B 53 -5.13 3.76 -4.41
CA ASP B 53 -3.94 3.15 -3.82
C ASP B 53 -3.47 1.91 -4.57
N MET B 54 -3.71 1.83 -5.88
CA MET B 54 -3.24 0.69 -6.65
C MET B 54 -1.72 0.75 -6.72
N SER B 55 -1.05 -0.11 -5.96
CA SER B 55 0.41 -0.15 -5.94
C SER B 55 0.85 -1.51 -5.42
N PHE B 56 2.08 -1.57 -4.93
CA PHE B 56 2.61 -2.76 -4.28
C PHE B 56 3.52 -2.33 -3.13
N SER B 57 3.82 -3.26 -2.24
CA SER B 57 4.63 -2.99 -1.05
C SER B 57 6.02 -3.59 -1.23
N LYS B 58 6.85 -3.43 -0.19
CA LYS B 58 8.19 -4.00 -0.21
C LYS B 58 8.13 -5.50 -0.44
N ASP B 59 7.02 -6.13 -0.08
CA ASP B 59 6.74 -7.55 -0.32
C ASP B 59 6.86 -7.94 -1.78
N TRP B 60 6.72 -6.98 -2.70
CA TRP B 60 6.47 -7.09 -4.13
C TRP B 60 5.01 -7.41 -4.42
N SER B 61 4.19 -7.73 -3.41
CA SER B 61 2.81 -8.07 -3.63
C SER B 61 1.97 -6.80 -3.74
N PHE B 62 0.91 -6.89 -4.55
CA PHE B 62 0.07 -5.74 -4.87
C PHE B 62 -1.03 -5.58 -3.83
N TYR B 63 -1.54 -4.36 -3.74
CA TYR B 63 -2.69 -4.04 -2.90
C TYR B 63 -3.45 -2.91 -3.58
N ILE B 64 -4.71 -2.75 -3.18
CA ILE B 64 -5.58 -1.77 -3.83
C ILE B 64 -6.71 -1.44 -2.87
N LEU B 65 -7.23 -0.22 -2.98
CA LEU B 65 -8.33 0.25 -2.13
C LEU B 65 -9.54 0.53 -3.01
N ALA B 66 -10.62 -0.19 -2.77
CA ALA B 66 -11.88 -0.01 -3.49
C ALA B 66 -12.93 0.51 -2.52
N HIS B 67 -13.67 1.54 -2.94
CA HIS B 67 -14.69 2.14 -2.09
C HIS B 67 -15.87 2.60 -2.93
N THR B 68 -16.99 2.80 -2.25
CA THR B 68 -18.22 3.31 -2.84
C THR B 68 -19.03 3.97 -1.75
N GLU B 69 -19.93 4.86 -2.16
CA GLU B 69 -20.82 5.52 -1.20
C GLU B 69 -21.97 4.61 -0.84
N PHE B 70 -22.36 4.62 0.44
CA PHE B 70 -23.47 3.79 0.89
C PHE B 70 -24.12 4.43 2.10
N THR B 71 -25.27 3.90 2.45
CA THR B 71 -26.04 4.32 3.62
C THR B 71 -26.59 3.08 4.30
N PRO B 72 -26.08 2.73 5.47
CA PRO B 72 -26.51 1.49 6.13
C PRO B 72 -27.88 1.64 6.77
N THR B 73 -28.62 0.53 6.78
CA THR B 73 -29.87 0.40 7.49
C THR B 73 -29.80 -0.85 8.35
N GLU B 74 -30.91 -1.19 9.02
CA GLU B 74 -30.91 -2.36 9.88
C GLU B 74 -30.99 -3.66 9.09
N THR B 75 -31.70 -3.67 7.97
CA THR B 75 -31.90 -4.89 7.20
C THR B 75 -30.99 -5.01 5.98
N ASP B 76 -30.32 -3.93 5.58
CA ASP B 76 -29.43 -3.99 4.43
C ASP B 76 -28.25 -4.92 4.71
N THR B 77 -27.50 -5.21 3.64
CA THR B 77 -26.39 -6.14 3.71
C THR B 77 -25.39 -5.80 2.61
N TYR B 78 -24.11 -5.76 2.96
CA TYR B 78 -23.07 -5.41 2.01
C TYR B 78 -21.93 -6.41 2.08
N ALA B 79 -21.24 -6.56 0.95
CA ALA B 79 -20.12 -7.50 0.87
C ALA B 79 -19.22 -7.10 -0.28
N CYS B 80 -18.03 -7.68 -0.29
CA CYS B 80 -17.04 -7.48 -1.34
C CYS B 80 -16.65 -8.84 -1.88
N ARG B 81 -16.67 -8.99 -3.21
CA ARG B 81 -16.40 -10.25 -3.88
C ARG B 81 -15.19 -10.09 -4.79
N VAL B 82 -14.21 -10.98 -4.64
CA VAL B 82 -12.90 -10.81 -5.26
C VAL B 82 -12.56 -12.07 -6.04
N LYS B 83 -12.39 -11.92 -7.35
CA LYS B 83 -11.98 -13.03 -8.22
C LYS B 83 -10.51 -12.87 -8.56
N HIS B 84 -9.70 -13.86 -8.17
CA HIS B 84 -8.27 -13.82 -8.43
C HIS B 84 -7.80 -15.21 -8.83
N ALA B 85 -6.82 -15.24 -9.74
CA ALA B 85 -6.38 -16.49 -10.35
C ALA B 85 -5.81 -17.47 -9.33
N SER B 86 -5.43 -16.98 -8.14
CA SER B 86 -4.87 -17.86 -7.11
C SER B 86 -5.93 -18.59 -6.30
N MET B 87 -7.21 -18.28 -6.51
CA MET B 87 -8.29 -18.97 -5.83
C MET B 87 -9.15 -19.69 -6.87
N ALA B 88 -9.59 -20.90 -6.54
CA ALA B 88 -10.43 -21.68 -7.44
C ALA B 88 -11.75 -20.98 -7.71
N GLU B 89 -12.41 -20.51 -6.66
CA GLU B 89 -13.67 -19.80 -6.76
C GLU B 89 -13.56 -18.40 -6.17
N PRO B 90 -14.40 -17.46 -6.60
CA PRO B 90 -14.39 -16.12 -6.01
C PRO B 90 -14.69 -16.18 -4.52
N LYS B 91 -14.23 -15.16 -3.81
CA LYS B 91 -14.32 -15.08 -2.35
C LYS B 91 -15.16 -13.87 -1.97
N THR B 92 -16.18 -14.09 -1.14
CA THR B 92 -17.08 -13.02 -0.70
C THR B 92 -16.87 -12.79 0.79
N VAL B 93 -16.49 -11.57 1.15
CA VAL B 93 -16.36 -11.15 2.55
C VAL B 93 -17.51 -10.19 2.83
N TYR B 94 -18.33 -10.52 3.82
CA TYR B 94 -19.46 -9.69 4.19
C TYR B 94 -19.03 -8.60 5.17
N TRP B 95 -19.59 -7.41 4.99
CA TRP B 95 -19.35 -6.32 5.93
C TRP B 95 -20.02 -6.64 7.26
N ASP B 96 -19.22 -6.70 8.33
CA ASP B 96 -19.74 -6.73 9.69
C ASP B 96 -19.54 -5.34 10.28
N ARG B 97 -20.64 -4.71 10.72
CA ARG B 97 -20.57 -3.35 11.25
C ARG B 97 -19.80 -3.27 12.57
N ASP B 98 -19.40 -4.40 13.13
CA ASP B 98 -18.58 -4.44 14.34
C ASP B 98 -17.13 -4.82 14.05
N MET B 99 -16.73 -4.79 12.79
CA MET B 99 -15.36 -5.13 12.41
C MET B 99 -14.80 -4.12 11.41
N ARG C 1 12.45 14.35 -7.59
CA ARG C 1 11.96 13.86 -8.87
C ARG C 1 12.34 12.40 -9.02
N GLY C 2 11.71 11.73 -9.98
CA GLY C 2 11.85 10.30 -10.12
C GLY C 2 13.07 9.91 -10.94
N PRO C 3 13.30 8.60 -11.02
CA PRO C 3 14.40 8.06 -11.82
C PRO C 3 13.96 7.67 -13.23
N GLY C 4 14.96 7.43 -14.08
CA GLY C 4 14.71 7.13 -15.48
C GLY C 4 15.29 5.83 -16.02
N CYS C 5 14.41 4.98 -16.55
CA CYS C 5 14.78 3.68 -17.15
C CYS C 5 15.66 2.83 -16.25
#